data_2XGV
#
_entry.id   2XGV
#
_cell.length_a   80.250
_cell.length_b   62.710
_cell.length_c   26.870
_cell.angle_alpha   90.00
_cell.angle_beta   102.11
_cell.angle_gamma   90.00
#
_symmetry.space_group_name_H-M   'C 1 2 1'
#
loop_
_entity.id
_entity.type
_entity.pdbx_description
1 polymer 'PSIV CAPSID N-TERMINAL DOMAIN'
2 water water
#
_entity_poly.entity_id   1
_entity_poly.type   'polypeptide(L)'
_entity_poly.pdbx_seq_one_letter_code
;PVVNRGQGWAYEPMSTRTVAAWIRQTGEKGLTSPETITYWGLISQDLSSREQVQLLEVVPGLQADKDMLGAYLEERAREW
DAQPQQPLPYTSAHIRGLTGDQAFAISAQGREAAQVFRAWITQGLMNLAQLRAPLEHHHHHH
;
_entity_poly.pdbx_strand_id   A
#
# COMPACT_ATOMS: atom_id res chain seq x y z
N PRO A 1 0.78 -11.46 -3.81
CA PRO A 1 1.31 -10.52 -4.79
C PRO A 1 0.75 -10.80 -6.18
N VAL A 2 0.89 -9.84 -7.07
CA VAL A 2 0.56 -10.05 -8.47
C VAL A 2 1.87 -10.21 -9.22
N VAL A 3 2.09 -11.38 -9.81
CA VAL A 3 3.35 -11.71 -10.42
C VAL A 3 3.15 -12.22 -11.85
N ASN A 4 4.20 -12.14 -12.66
CA ASN A 4 4.20 -12.71 -13.98
C ASN A 4 5.33 -13.72 -14.13
N ARG A 5 4.99 -15.01 -14.09
CA ARG A 5 5.99 -16.07 -14.16
C ARG A 5 6.05 -16.70 -15.55
N GLY A 6 5.81 -15.90 -16.58
CA GLY A 6 5.86 -16.38 -17.95
C GLY A 6 4.52 -16.88 -18.46
N GLN A 7 3.61 -17.19 -17.55
CA GLN A 7 2.30 -17.68 -17.93
C GLN A 7 1.29 -16.54 -18.04
N GLY A 8 1.72 -15.34 -17.68
CA GLY A 8 0.83 -14.19 -17.63
C GLY A 8 0.69 -13.68 -16.21
N TRP A 9 0.10 -12.50 -16.05
CA TRP A 9 -0.11 -11.96 -14.70
C TRP A 9 -1.09 -12.82 -13.91
N ALA A 10 -0.68 -13.20 -12.70
CA ALA A 10 -1.50 -14.02 -11.82
C ALA A 10 -1.39 -13.55 -10.38
N TYR A 11 -2.47 -13.73 -9.62
CA TYR A 11 -2.45 -13.48 -8.18
C TYR A 11 -2.00 -14.72 -7.44
N GLU A 12 -1.11 -14.52 -6.47
CA GLU A 12 -0.69 -15.57 -5.56
C GLU A 12 -0.81 -14.99 -4.16
N PRO A 13 -1.47 -15.74 -3.26
CA PRO A 13 -1.63 -15.35 -1.86
C PRO A 13 -0.30 -15.03 -1.18
N MET A 14 -0.27 -13.95 -0.38
CA MET A 14 0.85 -13.70 0.51
C MET A 14 0.91 -14.83 1.51
N SER A 15 2.12 -15.28 1.81
CA SER A 15 2.30 -16.38 2.75
C SER A 15 2.10 -15.84 4.16
N THR A 16 1.81 -16.73 5.10
CA THR A 16 1.77 -16.37 6.50
C THR A 16 3.13 -15.85 6.95
N ARG A 17 4.19 -16.48 6.46
CA ARG A 17 5.55 -16.10 6.82
C ARG A 17 5.79 -14.64 6.54
N THR A 18 5.40 -14.22 5.33
CA THR A 18 5.57 -12.83 4.90
C THR A 18 4.85 -11.84 5.79
N VAL A 19 3.59 -12.12 6.12
CA VAL A 19 2.81 -11.21 6.94
C VAL A 19 3.34 -11.16 8.37
N ALA A 20 3.73 -12.31 8.89
CA ALA A 20 4.31 -12.39 10.23
C ALA A 20 5.65 -11.63 10.31
N ALA A 21 6.47 -11.73 9.28
CA ALA A 21 7.73 -10.98 9.23
C ALA A 21 7.50 -9.47 9.24
N TRP A 22 6.52 -9.04 8.47
CA TRP A 22 6.16 -7.62 8.42
C TRP A 22 5.70 -7.15 9.80
N ILE A 23 4.82 -7.94 10.42
CA ILE A 23 4.33 -7.68 11.77
C ILE A 23 5.50 -7.53 12.73
N ARG A 24 6.46 -8.45 12.64
CA ARG A 24 7.64 -8.36 13.49
C ARG A 24 8.50 -7.12 13.21
N GLN A 25 8.71 -6.80 11.93
CA GLN A 25 9.47 -5.60 11.57
C GLN A 25 8.89 -4.36 12.25
N THR A 26 7.58 -4.22 12.17
CA THR A 26 6.94 -3.03 12.72
C THR A 26 7.00 -3.06 14.24
N GLY A 27 6.98 -4.27 14.79
CA GLY A 27 7.07 -4.45 16.23
C GLY A 27 8.41 -3.99 16.78
N GLU A 28 9.49 -4.31 16.07
CA GLU A 28 10.85 -4.02 16.52
C GLU A 28 11.35 -2.63 16.14
N LYS A 29 10.95 -2.13 14.98
CA LYS A 29 11.51 -0.88 14.48
C LYS A 29 10.45 0.17 14.15
N GLY A 30 9.19 -0.11 14.52
CA GLY A 30 8.12 0.85 14.31
C GLY A 30 7.75 1.01 12.85
N LEU A 31 6.89 1.96 12.54
CA LEU A 31 6.35 2.10 11.20
C LEU A 31 7.14 3.11 10.36
N THR A 32 7.78 4.07 11.02
CA THR A 32 8.31 5.22 10.30
C THR A 32 9.85 5.35 10.34
N SER A 33 10.52 4.29 10.79
CA SER A 33 11.99 4.26 10.78
C SER A 33 12.55 4.11 9.37
N PRO A 34 13.81 4.54 9.16
CA PRO A 34 14.42 4.30 7.84
C PRO A 34 14.37 2.81 7.49
N GLU A 35 14.52 1.96 8.49
CA GLU A 35 14.48 0.52 8.28
C GLU A 35 13.11 0.03 7.81
N THR A 36 12.06 0.41 8.53
CA THR A 36 10.73 -0.06 8.19
C THR A 36 10.31 0.50 6.83
N ILE A 37 10.62 1.77 6.58
CA ILE A 37 10.31 2.38 5.29
C ILE A 37 10.97 1.64 4.12
N THR A 38 12.24 1.27 4.29
CA THR A 38 12.94 0.46 3.29
C THR A 38 12.29 -0.91 3.16
N TYR A 39 12.00 -1.53 4.30
CA TYR A 39 11.31 -2.82 4.32
C TYR A 39 9.98 -2.71 3.57
N TRP A 40 9.18 -1.70 3.90
CA TRP A 40 7.93 -1.45 3.17
C TRP A 40 8.09 -1.41 1.66
N GLY A 41 9.08 -0.65 1.20
CA GLY A 41 9.25 -0.41 -0.22
C GLY A 41 9.53 -1.70 -0.96
N LEU A 42 10.31 -2.56 -0.32
CA LEU A 42 10.67 -3.84 -0.93
C LEU A 42 9.48 -4.80 -0.92
N ILE A 43 8.83 -4.97 0.23
CA ILE A 43 7.78 -5.98 0.32
C ILE A 43 6.56 -5.62 -0.52
N SER A 44 6.36 -4.31 -0.73
CA SER A 44 5.13 -3.84 -1.38
C SER A 44 5.21 -3.80 -2.90
N GLN A 45 6.38 -4.08 -3.48
CA GLN A 45 6.60 -3.76 -4.89
C GLN A 45 5.72 -4.54 -5.85
N ASP A 46 5.30 -5.74 -5.44
CA ASP A 46 4.47 -6.59 -6.28
CA ASP A 46 4.47 -6.59 -6.28
C ASP A 46 3.12 -6.89 -5.62
N LEU A 47 2.77 -6.09 -4.61
CA LEU A 47 1.51 -6.29 -3.89
C LEU A 47 0.35 -5.54 -4.56
N SER A 48 -0.85 -6.13 -4.55
CA SER A 48 -2.04 -5.42 -4.97
C SER A 48 -2.41 -4.36 -3.93
N SER A 49 -3.23 -3.39 -4.32
CA SER A 49 -3.65 -2.37 -3.37
C SER A 49 -4.31 -3.00 -2.16
N ARG A 50 -5.11 -4.03 -2.40
CA ARG A 50 -5.76 -4.76 -1.30
C ARG A 50 -4.75 -5.40 -0.38
N GLU A 51 -3.70 -5.96 -0.95
CA GLU A 51 -2.65 -6.58 -0.14
C GLU A 51 -1.93 -5.55 0.69
N GLN A 52 -1.88 -4.32 0.18
CA GLN A 52 -1.21 -3.23 0.90
C GLN A 52 -2.04 -2.74 2.09
N VAL A 53 -3.34 -2.61 1.88
CA VAL A 53 -4.29 -2.29 2.96
C VAL A 53 -4.12 -3.32 4.06
N GLN A 54 -4.06 -4.59 3.66
CA GLN A 54 -4.02 -5.70 4.59
C GLN A 54 -2.80 -5.64 5.51
N LEU A 55 -1.64 -5.28 4.95
CA LEU A 55 -0.41 -5.14 5.74
C LEU A 55 -0.47 -3.99 6.73
N LEU A 56 -0.94 -2.83 6.27
CA LEU A 56 -1.12 -1.70 7.17
C LEU A 56 -2.05 -2.08 8.32
N GLU A 57 -3.09 -2.86 7.99
CA GLU A 57 -4.08 -3.29 8.98
C GLU A 57 -3.54 -4.23 10.04
N VAL A 58 -2.65 -5.15 9.65
CA VAL A 58 -2.16 -6.14 10.61
C VAL A 58 -1.05 -5.60 11.49
N VAL A 59 -0.60 -4.38 11.23
CA VAL A 59 0.39 -3.73 12.08
C VAL A 59 -0.20 -3.52 13.48
N PRO A 60 0.36 -4.21 14.49
CA PRO A 60 -0.16 -4.11 15.85
C PRO A 60 0.24 -2.81 16.55
N GLY A 61 -0.69 -2.21 17.28
CA GLY A 61 -0.41 -1.01 18.03
C GLY A 61 -0.08 0.13 17.09
N LEU A 62 0.81 1.02 17.52
CA LEU A 62 1.19 2.18 16.72
C LEU A 62 -0.05 2.91 16.17
N GLN A 63 -1.06 3.09 17.03
CA GLN A 63 -2.31 3.74 16.63
C GLN A 63 -2.10 5.15 16.09
N ALA A 64 -1.37 5.97 16.83
CA ALA A 64 -1.12 7.35 16.44
C ALA A 64 -0.58 7.45 15.02
N ASP A 65 0.45 6.66 14.72
CA ASP A 65 1.03 6.58 13.38
C ASP A 65 0.03 6.07 12.34
N LYS A 66 -0.75 5.05 12.70
CA LYS A 66 -1.74 4.49 11.79
C LYS A 66 -2.89 5.44 11.50
N ASP A 67 -3.27 6.24 12.50
CA ASP A 67 -4.30 7.25 12.29
C ASP A 67 -3.77 8.37 11.42
N MET A 68 -2.55 8.83 11.71
CA MET A 68 -1.93 9.88 10.92
C MET A 68 -1.66 9.44 9.49
N LEU A 69 -1.27 8.18 9.31
CA LEU A 69 -1.10 7.67 7.95
C LEU A 69 -2.45 7.58 7.25
N GLY A 70 -3.47 7.11 7.96
CA GLY A 70 -4.81 7.04 7.40
C GLY A 70 -5.33 8.40 6.96
N ALA A 71 -5.12 9.42 7.77
CA ALA A 71 -5.60 10.76 7.45
C ALA A 71 -4.85 11.30 6.23
N TYR A 72 -3.59 10.94 6.11
CA TYR A 72 -2.77 11.33 4.96
C TYR A 72 -3.28 10.66 3.67
N LEU A 73 -3.60 9.38 3.76
CA LEU A 73 -4.06 8.64 2.59
C LEU A 73 -5.47 9.07 2.18
N GLU A 74 -6.27 9.46 3.15
CA GLU A 74 -7.59 10.04 2.85
C GLU A 74 -7.46 11.34 2.08
N GLU A 75 -6.54 12.20 2.50
CA GLU A 75 -6.32 13.47 1.80
C GLU A 75 -5.80 13.23 0.38
N ARG A 76 -4.86 12.30 0.23
CA ARG A 76 -4.39 11.92 -1.09
C ARG A 76 -5.53 11.39 -1.96
N ALA A 77 -6.43 10.63 -1.33
CA ALA A 77 -7.59 10.08 -2.03
C ALA A 77 -8.53 11.18 -2.50
N ARG A 78 -8.77 12.17 -1.65
CA ARG A 78 -9.64 13.29 -2.00
C ARG A 78 -9.05 14.10 -3.15
N GLU A 79 -7.76 14.41 -3.06
CA GLU A 79 -7.05 15.11 -4.13
C GLU A 79 -7.16 14.36 -5.46
N TRP A 80 -7.01 13.04 -5.43
CA TRP A 80 -7.11 12.24 -6.66
C TRP A 80 -8.50 12.34 -7.27
N ASP A 81 -9.53 12.16 -6.44
CA ASP A 81 -10.89 12.17 -6.94
C ASP A 81 -11.34 13.57 -7.33
N ALA A 82 -10.59 14.58 -6.90
CA ALA A 82 -10.96 15.96 -7.20
C ALA A 82 -10.26 16.48 -8.46
N GLN A 83 -9.43 15.64 -9.07
CA GLN A 83 -8.75 16.01 -10.31
C GLN A 83 -9.74 16.20 -11.46
N PRO A 84 -9.46 17.21 -12.31
CA PRO A 84 -10.30 17.50 -13.47
C PRO A 84 -9.92 16.64 -14.66
N GLN A 85 -10.41 15.41 -14.70
CA GLN A 85 -10.18 14.55 -15.85
C GLN A 85 -11.19 13.42 -15.91
N GLN A 86 -12.18 13.58 -16.78
CA GLN A 86 -13.15 12.52 -17.05
C GLN A 86 -12.76 11.83 -18.35
N PRO A 87 -12.64 10.49 -18.30
CA PRO A 87 -12.76 9.71 -17.07
C PRO A 87 -11.38 9.41 -16.49
N LEU A 88 -11.22 9.58 -15.18
CA LEU A 88 -9.99 9.14 -14.54
C LEU A 88 -9.82 7.66 -14.83
N PRO A 89 -8.57 7.18 -14.83
CA PRO A 89 -8.30 5.76 -15.13
C PRO A 89 -8.91 4.83 -14.08
N TYR A 90 -8.98 5.29 -12.83
CA TYR A 90 -9.57 4.53 -11.74
C TYR A 90 -9.86 5.53 -10.62
N THR A 91 -10.57 5.09 -9.60
CA THR A 91 -10.94 5.98 -8.51
C THR A 91 -9.94 5.79 -7.39
N SER A 92 -9.98 6.67 -6.40
CA SER A 92 -9.10 6.54 -5.24
C SER A 92 -9.46 5.30 -4.45
N ALA A 93 -10.71 4.85 -4.58
CA ALA A 93 -11.14 3.64 -3.87
C ALA A 93 -10.41 2.41 -4.41
N HIS A 94 -10.18 2.40 -5.72
CA HIS A 94 -9.41 1.37 -6.38
C HIS A 94 -7.94 1.43 -5.93
N ILE A 95 -7.35 2.61 -6.03
CA ILE A 95 -5.99 2.87 -5.52
C ILE A 95 -5.78 2.34 -4.11
N ARG A 96 -6.70 2.71 -3.22
CA ARG A 96 -6.61 2.39 -1.81
C ARG A 96 -7.04 0.96 -1.42
N GLY A 97 -7.45 0.16 -2.39
CA GLY A 97 -7.80 -1.22 -2.13
C GLY A 97 -9.16 -1.38 -1.49
N LEU A 98 -10.01 -0.38 -1.65
CA LEU A 98 -11.33 -0.43 -1.05
C LEU A 98 -12.35 -0.96 -2.05
N THR A 99 -12.01 -0.96 -3.33
CA THR A 99 -12.86 -1.59 -4.34
C THR A 99 -12.00 -2.16 -5.48
N GLY A 100 -12.61 -3.00 -6.30
CA GLY A 100 -11.92 -3.72 -7.35
C GLY A 100 -11.65 -5.14 -6.90
N ASP A 101 -11.82 -6.10 -7.80
CA ASP A 101 -11.58 -7.49 -7.45
C ASP A 101 -10.24 -8.01 -7.96
N GLN A 102 -10.10 -9.33 -7.96
CA GLN A 102 -8.87 -9.99 -8.40
C GLN A 102 -8.55 -9.78 -9.89
N ALA A 103 -9.58 -9.72 -10.73
CA ALA A 103 -9.37 -9.42 -12.13
C ALA A 103 -8.81 -8.02 -12.24
N PHE A 104 -9.35 -7.10 -11.45
CA PHE A 104 -8.83 -5.72 -11.42
C PHE A 104 -7.37 -5.70 -10.99
N ALA A 105 -7.06 -6.39 -9.90
CA ALA A 105 -5.70 -6.40 -9.38
C ALA A 105 -4.67 -6.88 -10.39
N ILE A 106 -5.01 -7.89 -11.20
CA ILE A 106 -4.06 -8.37 -12.19
C ILE A 106 -4.03 -7.51 -13.46
N SER A 107 -5.08 -6.71 -13.69
CA SER A 107 -5.16 -5.82 -14.86
C SER A 107 -4.03 -4.78 -14.85
N ALA A 108 -3.67 -4.28 -16.02
CA ALA A 108 -2.70 -3.19 -16.11
C ALA A 108 -3.10 -1.99 -15.26
N GLN A 109 -4.39 -1.67 -15.25
CA GLN A 109 -4.86 -0.53 -14.46
C GLN A 109 -4.67 -0.82 -12.97
N GLY A 110 -4.95 -2.05 -12.56
CA GLY A 110 -4.86 -2.44 -11.18
C GLY A 110 -3.41 -2.38 -10.73
N ARG A 111 -2.51 -2.91 -11.55
CA ARG A 111 -1.08 -2.88 -11.21
C ARG A 111 -0.51 -1.46 -11.13
N GLU A 112 -1.00 -0.57 -12.00
CA GLU A 112 -0.59 0.82 -11.94
C GLU A 112 -1.10 1.50 -10.67
N ALA A 113 -2.38 1.28 -10.38
CA ALA A 113 -3.02 1.88 -9.21
C ALA A 113 -2.36 1.39 -7.94
N ALA A 114 -1.92 0.14 -7.96
CA ALA A 114 -1.21 -0.40 -6.81
C ALA A 114 0.16 0.30 -6.63
N GLN A 115 0.77 0.73 -7.73
CA GLN A 115 2.07 1.40 -7.63
C GLN A 115 1.89 2.81 -7.11
N VAL A 116 0.76 3.43 -7.46
CA VAL A 116 0.40 4.74 -6.94
C VAL A 116 0.20 4.71 -5.42
N PHE A 117 -0.58 3.74 -4.96
CA PHE A 117 -0.85 3.55 -3.53
C PHE A 117 0.45 3.29 -2.78
N ARG A 118 1.28 2.41 -3.33
CA ARG A 118 2.58 2.07 -2.75
C ARG A 118 3.44 3.30 -2.51
N ALA A 119 3.44 4.21 -3.49
CA ALA A 119 4.16 5.47 -3.38
C ALA A 119 3.50 6.43 -2.37
N TRP A 120 2.17 6.46 -2.35
CA TRP A 120 1.44 7.26 -1.35
C TRP A 120 1.83 6.83 0.07
N ILE A 121 1.87 5.52 0.31
CA ILE A 121 2.20 5.04 1.63
C ILE A 121 3.66 5.32 1.99
N THR A 122 4.57 5.05 1.05
CA THR A 122 5.97 5.38 1.24
C THR A 122 6.16 6.86 1.62
N GLN A 123 5.51 7.75 0.88
CA GLN A 123 5.71 9.18 1.10
C GLN A 123 5.11 9.60 2.42
N GLY A 124 3.97 9.03 2.77
CA GLY A 124 3.31 9.30 4.03
C GLY A 124 4.17 8.87 5.21
N LEU A 125 4.78 7.69 5.11
CA LEU A 125 5.67 7.24 6.18
C LEU A 125 6.87 8.16 6.35
N MET A 126 7.42 8.64 5.24
CA MET A 126 8.55 9.55 5.26
C MET A 126 8.10 10.86 5.89
N ASN A 127 6.92 11.32 5.50
CA ASN A 127 6.36 12.58 6.00
C ASN A 127 6.21 12.54 7.52
N LEU A 128 5.73 11.39 8.01
CA LEU A 128 5.58 11.13 9.43
C LEU A 128 6.91 11.08 10.18
N ALA A 129 7.91 10.46 9.58
CA ALA A 129 9.25 10.43 10.16
C ALA A 129 9.82 11.84 10.27
N GLN A 130 9.52 12.70 9.29
CA GLN A 130 10.04 14.07 9.29
C GLN A 130 9.43 14.98 10.36
N LEU A 131 8.25 14.63 10.86
CA LEU A 131 7.64 15.40 11.94
C LEU A 131 8.43 15.23 13.23
N ARG A 132 9.02 14.06 13.39
CA ARG A 132 9.63 13.64 14.64
C ARG A 132 11.12 14.00 14.69
N ALA A 133 11.81 13.82 13.57
CA ALA A 133 13.24 14.09 13.48
C ALA A 133 13.61 15.39 14.18
#